data_5NX3
#
_entry.id   5NX3
#
_cell.length_a   58.058
_cell.length_b   77.752
_cell.length_c   91.130
_cell.angle_alpha   90.00
_cell.angle_beta   90.00
_cell.angle_gamma   90.00
#
_symmetry.space_group_name_H-M   'P 21 21 21'
#
loop_
_entity.id
_entity.type
_entity.pdbx_description
1 polymer Kallikrein-6
2 polymer 'Amyloid-beta A4 protein'
3 polymer 'Amyloid-beta A4 protein'
4 polymer 'Amyloid-beta A4 protein'
5 water water
#
loop_
_entity_poly.entity_id
_entity_poly.type
_entity_poly.pdbx_seq_one_letter_code
_entity_poly.pdbx_strand_id
1 'polypeptide(L)'
;LVHGGPCDKTSHPYQAALYTSGHLLCGGVLIHPLWVLTAAHCKKPNLQVFLGKHNLGQQESSQEQSSVVRAVIHPDYDAA
SHDQDIMLLRLARPAKLSELIQPLPLERDCSAQTTSCHILGWGKTADGDFPDTIQCAYIHLVSREECEHAYPGQITQNML
CAGDEKYGKDSCQGDSGGPLVCGDHLRGLVSWGNIPCGSKEKPGVYTNVCRYTNWIQKTIQAK
;
A
2 'polypeptide(L)' YVDYKDDDDKEFEVCSEQAETGPCR B
3 'polypeptide(L)' ALFFRWYFDVTEGKCAPFVYGGCGGNRNNFDTEEYCMAVCGSAIPRHHHHHHAAAN D
4 'polypeptide(L)'
;YVDYKDDDDKEFEVCSEQAETGPCRALFFRWYFDVTEGKCAPFVYGGCGGNRNNFDTEEYCMAVCGSAIPRHHHHHHAAA
N
;
C
#
# COMPACT_ATOMS: atom_id res chain seq x y z
N LEU A 1 1.27 -0.47 -11.78
CA LEU A 1 -0.18 -0.42 -11.96
C LEU A 1 -0.51 -0.51 -13.46
N VAL A 2 -1.25 -1.56 -13.86
CA VAL A 2 -1.54 -1.83 -15.28
C VAL A 2 -2.89 -1.23 -15.65
N HIS A 3 -2.93 -0.61 -16.84
CA HIS A 3 -4.12 0.02 -17.42
C HIS A 3 -4.65 1.18 -16.61
N GLY A 4 -3.82 1.82 -15.80
CA GLY A 4 -4.17 3.04 -15.14
C GLY A 4 -3.69 4.26 -15.92
N GLY A 5 -3.52 5.35 -15.19
CA GLY A 5 -3.06 6.59 -15.74
C GLY A 5 -2.45 7.43 -14.64
N PRO A 6 -1.81 8.55 -15.00
CA PRO A 6 -1.12 9.35 -13.98
C PRO A 6 -2.13 10.05 -13.07
N CYS A 7 -1.81 10.06 -11.77
CA CYS A 7 -2.63 10.73 -10.78
C CYS A 7 -2.50 12.24 -10.87
N ASP A 8 -3.51 12.93 -10.33
CA ASP A 8 -3.39 14.36 -10.07
C ASP A 8 -2.36 14.60 -8.98
N LYS A 9 -1.67 15.74 -9.06
CA LYS A 9 -0.50 15.95 -8.22
C LYS A 9 -0.86 16.08 -6.74
N THR A 10 -2.05 16.55 -6.42
CA THR A 10 -2.44 16.76 -5.02
C THR A 10 -3.33 15.65 -4.45
N SER A 11 -3.54 14.57 -5.20
CA SER A 11 -4.53 13.58 -4.80
C SER A 11 -3.95 12.38 -4.05
N HIS A 12 -2.63 12.32 -3.84
CA HIS A 12 -2.02 11.17 -3.15
C HIS A 12 -1.05 11.56 -2.03
N PRO A 13 -1.45 12.48 -1.13
CA PRO A 13 -0.50 12.93 -0.09
C PRO A 13 -0.09 11.84 0.91
N TYR A 14 -0.80 10.72 0.94
CA TYR A 14 -0.52 9.62 1.86
C TYR A 14 0.40 8.56 1.26
N GLN A 15 0.70 8.63 -0.04
CA GLN A 15 1.48 7.58 -0.66
C GLN A 15 2.96 7.71 -0.30
N ALA A 16 3.55 6.60 0.10
CA ALA A 16 4.98 6.52 0.35
C ALA A 16 5.64 5.62 -0.68
N ALA A 17 6.89 5.93 -0.98
CA ALA A 17 7.76 5.06 -1.77
C ALA A 17 8.83 4.50 -0.87
N LEU A 18 8.96 3.18 -0.87
CA LEU A 18 10.01 2.50 -0.11
C LEU A 18 11.15 2.18 -1.06
N TYR A 19 12.37 2.57 -0.68
CA TYR A 19 13.55 2.38 -1.50
C TYR A 19 14.55 1.48 -0.81
N THR A 20 15.30 0.73 -1.63
CA THR A 20 16.44 -0.03 -1.14
C THR A 20 17.55 0.13 -2.16
N SER A 21 18.75 0.50 -1.69
CA SER A 21 19.90 0.72 -2.55
C SER A 21 19.55 1.62 -3.75
N GLY A 22 18.81 2.68 -3.48
CA GLY A 22 18.50 3.62 -4.54
C GLY A 22 17.46 3.19 -5.57
N HIS A 23 16.67 2.15 -5.32
CA HIS A 23 15.62 1.81 -6.26
C HIS A 23 14.33 1.48 -5.54
N LEU A 24 13.22 1.82 -6.19
CA LEU A 24 11.89 1.47 -5.69
C LEU A 24 11.79 -0.01 -5.37
N LEU A 25 11.34 -0.32 -4.15
CA LEU A 25 11.02 -1.68 -3.74
C LEU A 25 9.53 -1.91 -3.55
N CYS A 26 8.82 -0.95 -2.96
CA CYS A 26 7.38 -1.04 -2.76
C CYS A 26 6.78 0.33 -2.50
N GLY A 27 5.45 0.35 -2.49
CA GLY A 27 4.70 1.47 -1.96
C GLY A 27 4.47 1.34 -0.47
N GLY A 28 3.76 2.32 0.06
CA GLY A 28 3.42 2.34 1.48
C GLY A 28 2.40 3.42 1.68
N VAL A 29 1.81 3.45 2.88
CA VAL A 29 0.77 4.43 3.22
C VAL A 29 1.14 5.11 4.53
N LEU A 30 1.28 6.42 4.49
CA LEU A 30 1.39 7.21 5.71
C LEU A 30 0.04 7.19 6.44
N ILE A 31 0.04 6.63 7.64
CA ILE A 31 -1.16 6.57 8.48
C ILE A 31 -1.02 7.40 9.74
N HIS A 32 0.16 7.93 10.01
CA HIS A 32 0.43 8.75 11.19
C HIS A 32 1.75 9.46 10.90
N PRO A 33 1.98 10.65 11.47
CA PRO A 33 3.24 11.38 11.17
C PRO A 33 4.50 10.56 11.28
N LEU A 34 4.49 9.50 12.09
CA LEU A 34 5.67 8.70 12.35
C LEU A 34 5.63 7.32 11.75
N TRP A 35 4.52 6.89 11.15
CA TRP A 35 4.39 5.48 10.79
C TRP A 35 3.85 5.31 9.38
N VAL A 36 4.50 4.44 8.64
CA VAL A 36 4.10 4.05 7.30
C VAL A 36 3.70 2.58 7.33
N LEU A 37 2.55 2.28 6.75
CA LEU A 37 2.05 0.92 6.67
C LEU A 37 2.38 0.37 5.29
N THR A 38 2.84 -0.88 5.26
CA THR A 38 3.19 -1.52 3.99
C THR A 38 2.94 -3.02 4.11
N ALA A 39 3.26 -3.75 3.05
CA ALA A 39 3.15 -5.22 3.07
C ALA A 39 4.35 -5.86 3.75
N ALA A 40 4.09 -6.98 4.43
CA ALA A 40 5.15 -7.69 5.13
C ALA A 40 6.19 -8.26 4.16
N HIS A 41 5.76 -8.78 3.00
CA HIS A 41 6.74 -9.35 2.09
C HIS A 41 7.72 -8.31 1.53
N CYS A 42 7.43 -7.02 1.69
CA CYS A 42 8.39 -5.96 1.36
C CYS A 42 9.52 -5.82 2.37
N LYS A 43 9.55 -6.62 3.45
CA LYS A 43 10.60 -6.46 4.44
C LYS A 43 11.98 -6.52 3.80
N LYS A 44 12.87 -5.64 4.27
CA LYS A 44 14.22 -5.50 3.76
C LYS A 44 15.02 -4.67 4.75
N PRO A 45 16.26 -5.02 5.05
CA PRO A 45 17.07 -4.17 5.92
C PRO A 45 17.30 -2.80 5.32
N ASN A 46 17.37 -1.79 6.19
CA ASN A 46 17.79 -0.43 5.83
C ASN A 46 16.91 0.20 4.75
N LEU A 47 15.61 0.05 4.88
CA LEU A 47 14.66 0.69 3.98
C LEU A 47 14.77 2.22 4.05
N GLN A 48 14.44 2.87 2.94
CA GLN A 48 14.38 4.32 2.90
C GLN A 48 12.98 4.71 2.44
N VAL A 49 12.36 5.65 3.16
CA VAL A 49 10.99 6.08 2.89
C VAL A 49 11.04 7.47 2.25
N PHE A 50 10.33 7.62 1.14
CA PHE A 50 10.15 8.92 0.48
C PHE A 50 8.68 9.32 0.59
N LEU A 51 8.42 10.45 1.22
CA LEU A 51 7.08 11.01 1.26
C LEU A 51 7.00 12.24 0.38
N GLY A 52 5.78 12.57 -0.04
CA GLY A 52 5.57 13.78 -0.84
C GLY A 52 6.03 13.70 -2.28
N LYS A 53 6.28 12.50 -2.80
CA LYS A 53 6.79 12.32 -4.15
C LYS A 53 5.67 12.04 -5.15
N HIS A 54 5.90 12.46 -6.39
CA HIS A 54 4.95 12.26 -7.47
C HIS A 54 5.71 11.67 -8.64
N ASN A 55 6.85 12.27 -8.95
CA ASN A 55 7.69 11.87 -10.07
C ASN A 55 9.02 11.38 -9.51
N LEU A 56 9.26 10.07 -9.59
CA LEU A 56 10.46 9.50 -8.99
C LEU A 56 11.74 9.94 -9.68
N GLY A 57 11.67 10.37 -10.95
CA GLY A 57 12.88 10.78 -11.65
C GLY A 57 13.40 12.14 -11.23
N GLN A 58 12.54 13.03 -10.76
CA GLN A 58 12.91 14.39 -10.40
C GLN A 58 12.98 14.55 -8.89
N GLN A 59 13.99 15.28 -8.43
CA GLN A 59 14.02 15.78 -7.06
C GLN A 59 12.96 16.86 -6.90
N GLU A 60 12.07 16.67 -5.94
CA GLU A 60 10.90 17.52 -5.77
C GLU A 60 11.00 18.29 -4.46
N SER A 61 10.67 19.59 -4.49
CA SER A 61 10.77 20.41 -3.28
C SER A 61 9.82 19.93 -2.20
N SER A 62 8.76 19.19 -2.55
CA SER A 62 7.79 18.72 -1.59
C SER A 62 8.20 17.43 -0.90
N GLN A 63 9.24 16.75 -1.38
CA GLN A 63 9.54 15.41 -0.88
C GLN A 63 10.29 15.46 0.45
N GLU A 64 10.11 14.40 1.23
CA GLU A 64 10.87 14.18 2.45
C GLU A 64 11.35 12.73 2.47
N GLN A 65 12.53 12.54 3.02
CA GLN A 65 13.19 11.26 3.00
C GLN A 65 13.54 10.88 4.43
N SER A 66 13.40 9.59 4.75
CA SER A 66 13.69 9.17 6.11
C SER A 66 14.14 7.72 6.10
N SER A 67 15.08 7.41 6.98
CA SER A 67 15.39 6.02 7.27
C SER A 67 14.32 5.44 8.18
N VAL A 68 14.23 4.12 8.16
CA VAL A 68 13.27 3.40 8.99
C VAL A 68 13.97 2.98 10.28
N VAL A 69 13.46 3.43 11.42
CA VAL A 69 14.11 3.06 12.69
C VAL A 69 13.51 1.81 13.32
N ARG A 70 12.26 1.47 13.01
CA ARG A 70 11.68 0.20 13.44
C ARG A 70 10.76 -0.34 12.37
N ALA A 71 10.93 -1.62 12.08
CA ALA A 71 10.05 -2.34 11.16
C ALA A 71 9.33 -3.40 11.96
N VAL A 72 8.02 -3.31 12.01
CA VAL A 72 7.21 -4.26 12.74
C VAL A 72 6.38 -5.09 11.76
N ILE A 73 6.89 -6.27 11.42
CA ILE A 73 6.11 -7.25 10.68
C ILE A 73 5.06 -7.83 11.61
N HIS A 74 3.88 -8.12 11.08
CA HIS A 74 2.89 -8.78 11.90
C HIS A 74 3.49 -10.09 12.43
N PRO A 75 3.28 -10.41 13.70
CA PRO A 75 3.82 -11.67 14.25
C PRO A 75 3.26 -12.93 13.59
N ASP A 76 2.05 -12.85 13.00
CA ASP A 76 1.39 -14.02 12.43
C ASP A 76 1.54 -14.09 10.90
N TYR A 77 2.39 -13.25 10.31
CA TYR A 77 2.60 -13.26 8.86
C TYR A 77 3.13 -14.61 8.40
N ASP A 78 2.53 -15.14 7.33
CA ASP A 78 2.89 -16.43 6.77
C ASP A 78 3.24 -16.20 5.30
N ALA A 79 4.53 -16.10 5.02
CA ALA A 79 4.95 -15.80 3.65
C ALA A 79 4.42 -16.83 2.66
N ALA A 80 4.33 -18.10 3.09
CA ALA A 80 3.93 -19.17 2.19
C ALA A 80 2.48 -19.02 1.72
N SER A 81 1.60 -18.50 2.56
CA SER A 81 0.19 -18.33 2.23
C SER A 81 -0.22 -16.88 2.04
N HIS A 82 0.71 -15.93 2.14
CA HIS A 82 0.44 -14.50 2.10
C HIS A 82 -0.47 -14.01 3.24
N ASP A 83 -0.78 -14.87 4.21
CA ASP A 83 -1.71 -14.47 5.26
C ASP A 83 -1.05 -13.46 6.19
N GLN A 84 -1.79 -12.41 6.54
CA GLN A 84 -1.35 -11.39 7.50
C GLN A 84 -0.17 -10.61 6.93
N ASP A 85 -0.30 -10.23 5.65
CA ASP A 85 0.75 -9.56 4.88
C ASP A 85 0.70 -8.06 5.20
N ILE A 86 1.28 -7.68 6.33
CA ILE A 86 1.21 -6.31 6.80
C ILE A 86 2.41 -6.03 7.69
N MET A 87 2.92 -4.80 7.59
CA MET A 87 4.13 -4.34 8.27
C MET A 87 4.03 -2.85 8.56
N LEU A 88 4.46 -2.45 9.76
CA LEU A 88 4.55 -1.05 10.13
C LEU A 88 6.00 -0.58 10.16
N LEU A 89 6.26 0.61 9.64
CA LEU A 89 7.60 1.21 9.63
C LEU A 89 7.57 2.57 10.32
N ARG A 90 8.37 2.71 11.36
CA ARG A 90 8.51 3.98 12.07
CA ARG A 90 8.52 3.98 12.07
C ARG A 90 9.60 4.83 11.42
N LEU A 91 9.28 6.08 11.12
CA LEU A 91 10.24 6.99 10.56
C LEU A 91 11.15 7.58 11.65
N ALA A 92 12.26 8.18 11.22
CA ALA A 92 13.25 8.72 12.15
C ALA A 92 12.76 9.96 12.89
N ARG A 93 11.78 10.66 12.35
CA ARG A 93 11.17 11.81 13.00
C ARG A 93 9.82 12.08 12.32
N PRO A 94 8.90 12.76 12.99
CA PRO A 94 7.56 12.91 12.39
C PRO A 94 7.65 13.64 11.06
N ALA A 95 6.81 13.23 10.12
CA ALA A 95 6.76 13.90 8.83
C ALA A 95 6.16 15.29 9.00
N LYS A 96 6.67 16.24 8.22
CA LYS A 96 6.11 17.58 8.17
C LYS A 96 5.00 17.59 7.12
N LEU A 97 3.78 17.84 7.57
CA LEU A 97 2.61 17.68 6.73
C LEU A 97 2.34 18.91 5.89
N SER A 98 1.75 18.69 4.71
CA SER A 98 1.39 19.74 3.78
C SER A 98 0.19 19.25 2.97
N GLU A 99 -0.09 19.93 1.86
CA GLU A 99 -1.08 19.39 0.94
C GLU A 99 -0.56 18.18 0.19
N LEU A 100 0.76 17.93 0.22
CA LEU A 100 1.36 16.81 -0.46
C LEU A 100 1.89 15.72 0.47
N ILE A 101 1.87 15.95 1.77
CA ILE A 101 2.20 14.92 2.77
C ILE A 101 1.10 14.95 3.82
N GLN A 102 0.32 13.88 3.90
CA GLN A 102 -0.81 13.88 4.83
C GLN A 102 -1.23 12.45 5.08
N PRO A 103 -1.51 12.06 6.31
CA PRO A 103 -1.88 10.66 6.58
C PRO A 103 -3.32 10.38 6.14
N LEU A 104 -3.61 9.09 5.94
CA LEU A 104 -4.91 8.62 5.47
C LEU A 104 -5.62 7.88 6.60
N PRO A 105 -6.89 8.16 6.87
CA PRO A 105 -7.61 7.37 7.90
C PRO A 105 -7.72 5.90 7.51
N LEU A 106 -7.58 5.03 8.49
CA LEU A 106 -7.82 3.61 8.30
C LEU A 106 -9.31 3.31 8.26
N GLU A 107 -9.68 2.32 7.46
CA GLU A 107 -11.02 1.73 7.60
C GLU A 107 -11.06 0.92 8.89
N ARG A 108 -11.92 1.32 9.83
CA ARG A 108 -12.07 0.59 11.06
C ARG A 108 -13.15 -0.50 11.01
N ASP A 109 -14.11 -0.40 10.10
CA ASP A 109 -15.25 -1.31 10.11
C ASP A 109 -15.16 -2.26 8.92
N CYS A 110 -14.99 -3.56 9.22
CA CYS A 110 -14.93 -4.55 8.16
C CYS A 110 -16.25 -4.72 7.44
N SER A 111 -17.33 -4.16 7.97
CA SER A 111 -18.64 -4.18 7.32
C SER A 111 -18.90 -2.94 6.46
N ALA A 112 -17.91 -2.05 6.29
CA ALA A 112 -18.09 -0.87 5.46
C ALA A 112 -18.52 -1.25 4.05
N GLN A 113 -19.49 -0.52 3.52
CA GLN A 113 -20.19 -0.98 2.32
C GLN A 113 -19.67 -0.36 1.02
N THR A 114 -18.84 0.67 1.10
CA THR A 114 -18.33 1.30 -0.12
C THR A 114 -17.56 0.30 -0.95
N THR A 115 -17.94 0.16 -2.22
CA THR A 115 -17.25 -0.75 -3.11
C THR A 115 -16.43 -0.07 -4.20
N SER A 116 -16.68 1.21 -4.46
CA SER A 116 -15.87 1.98 -5.40
C SER A 116 -14.58 2.39 -4.72
N CYS A 117 -13.46 1.95 -5.26
CA CYS A 117 -12.16 2.23 -4.67
C CYS A 117 -11.19 2.66 -5.76
N HIS A 118 -9.96 2.96 -5.36
CA HIS A 118 -8.90 3.19 -6.31
C HIS A 118 -7.59 2.73 -5.70
N ILE A 119 -6.64 2.43 -6.59
CA ILE A 119 -5.29 2.03 -6.22
C ILE A 119 -4.32 3.00 -6.87
N LEU A 120 -3.09 3.04 -6.34
CA LEU A 120 -2.10 3.93 -6.92
C LEU A 120 -0.70 3.41 -6.59
N GLY A 121 0.27 3.83 -7.39
CA GLY A 121 1.62 3.37 -7.19
C GLY A 121 2.50 3.60 -8.40
N TRP A 122 3.77 3.24 -8.22
CA TRP A 122 4.80 3.40 -9.24
C TRP A 122 5.23 2.07 -9.83
N GLY A 123 4.43 1.03 -9.67
CA GLY A 123 4.76 -0.28 -10.19
C GLY A 123 4.69 -0.38 -11.71
N LYS A 124 5.04 -1.58 -12.18
CA LYS A 124 5.07 -1.90 -13.60
C LYS A 124 3.73 -1.57 -14.27
N THR A 125 3.79 -0.93 -15.45
CA THR A 125 2.58 -0.60 -16.20
C THR A 125 2.26 -1.72 -17.20
N ALA A 126 1.20 -1.50 -17.99
CA ALA A 126 0.77 -2.48 -18.98
C ALA A 126 1.87 -2.76 -20.00
N ASP A 127 2.62 -1.72 -20.38
CA ASP A 127 3.72 -1.87 -21.34
C ASP A 127 4.88 -2.64 -20.75
N GLY A 128 4.88 -2.92 -19.45
CA GLY A 128 6.03 -3.45 -18.76
C GLY A 128 7.02 -2.41 -18.30
N ASP A 129 6.71 -1.14 -18.50
CA ASP A 129 7.57 -0.02 -18.15
C ASP A 129 7.36 0.35 -16.68
N PHE A 130 8.45 0.77 -16.02
CA PHE A 130 8.37 1.34 -14.68
C PHE A 130 8.24 2.85 -14.80
N PRO A 131 7.11 3.45 -14.44
CA PRO A 131 6.89 4.87 -14.71
C PRO A 131 7.51 5.75 -13.63
N ASP A 132 7.93 6.94 -14.04
CA ASP A 132 8.41 7.92 -13.08
C ASP A 132 7.24 8.57 -12.35
N THR A 133 6.13 8.82 -13.05
CA THR A 133 4.96 9.49 -12.48
C THR A 133 3.99 8.45 -11.93
N ILE A 134 3.53 8.68 -10.69
CA ILE A 134 2.64 7.73 -10.03
C ILE A 134 1.37 7.52 -10.84
N GLN A 135 0.90 6.28 -10.86
CA GLN A 135 -0.29 5.90 -11.62
C GLN A 135 -1.48 5.67 -10.70
N CYS A 136 -2.67 5.97 -11.20
CA CYS A 136 -3.92 5.80 -10.47
C CYS A 136 -4.89 4.95 -11.29
N ALA A 137 -5.78 4.25 -10.60
CA ALA A 137 -6.87 3.54 -11.28
C ALA A 137 -8.01 3.31 -10.32
N TYR A 138 -9.24 3.49 -10.81
CA TYR A 138 -10.43 3.12 -10.05
C TYR A 138 -10.78 1.66 -10.29
N ILE A 139 -10.94 0.90 -9.20
CA ILE A 139 -11.40 -0.49 -9.24
C ILE A 139 -12.47 -0.67 -8.18
N HIS A 140 -13.09 -1.86 -8.16
CA HIS A 140 -14.17 -2.12 -7.23
C HIS A 140 -13.89 -3.40 -6.44
N LEU A 141 -14.30 -3.39 -5.16
CA LEU A 141 -14.23 -4.60 -4.37
C LEU A 141 -15.09 -5.69 -4.97
N VAL A 142 -14.63 -6.92 -4.82
CA VAL A 142 -15.34 -8.11 -5.26
C VAL A 142 -15.75 -8.89 -4.01
N SER A 143 -16.83 -9.67 -4.13
CA SER A 143 -17.36 -10.44 -3.02
C SER A 143 -16.34 -11.44 -2.49
N ARG A 144 -16.40 -11.71 -1.18
CA ARG A 144 -15.58 -12.76 -0.58
C ARG A 144 -15.73 -14.09 -1.32
N GLU A 145 -16.96 -14.39 -1.79
CA GLU A 145 -17.22 -15.64 -2.49
C GLU A 145 -16.54 -15.66 -3.86
N GLU A 146 -16.69 -14.58 -4.63
CA GLU A 146 -15.97 -14.50 -5.91
C GLU A 146 -14.47 -14.50 -5.70
N CYS A 147 -13.98 -13.97 -4.57
CA CYS A 147 -12.55 -14.06 -4.26
C CYS A 147 -12.13 -15.51 -4.08
N GLU A 148 -12.87 -16.26 -3.26
CA GLU A 148 -12.54 -17.66 -3.02
C GLU A 148 -12.60 -18.47 -4.31
N HIS A 149 -13.64 -18.24 -5.13
CA HIS A 149 -13.76 -18.94 -6.40
C HIS A 149 -12.58 -18.67 -7.31
N ALA A 150 -11.95 -17.50 -7.20
CA ALA A 150 -10.81 -17.14 -8.05
C ALA A 150 -9.54 -17.84 -7.59
N TYR A 151 -9.31 -17.90 -6.28
CA TYR A 151 -8.14 -18.55 -5.70
C TYR A 151 -8.63 -19.55 -4.67
N PRO A 152 -9.11 -20.72 -5.10
CA PRO A 152 -9.64 -21.70 -4.16
C PRO A 152 -8.60 -22.08 -3.11
N GLY A 153 -9.01 -22.05 -1.84
CA GLY A 153 -8.17 -22.46 -0.75
C GLY A 153 -7.12 -21.45 -0.30
N GLN A 154 -7.14 -20.23 -0.84
CA GLN A 154 -6.09 -19.25 -0.56
C GLN A 154 -6.55 -17.99 0.14
N ILE A 155 -7.84 -17.68 0.12
CA ILE A 155 -8.35 -16.40 0.62
C ILE A 155 -8.74 -16.54 2.09
N THR A 156 -8.10 -15.75 2.95
CA THR A 156 -8.45 -15.73 4.36
C THR A 156 -9.29 -14.49 4.66
N GLN A 157 -9.76 -14.41 5.90
CA GLN A 157 -10.48 -13.23 6.34
C GLN A 157 -9.58 -12.00 6.42
N ASN A 158 -8.26 -12.20 6.39
CA ASN A 158 -7.31 -11.10 6.39
C ASN A 158 -6.99 -10.59 5.00
N MET A 159 -7.73 -11.04 4.00
CA MET A 159 -7.51 -10.64 2.62
C MET A 159 -8.81 -10.10 2.04
N LEU A 160 -8.64 -9.24 1.05
CA LEU A 160 -9.68 -8.55 0.32
C LEU A 160 -9.26 -8.61 -1.13
N CYS A 161 -10.19 -8.80 -2.03
CA CYS A 161 -9.74 -8.65 -3.40
C CYS A 161 -10.66 -7.72 -4.16
N ALA A 162 -10.10 -7.15 -5.23
CA ALA A 162 -10.63 -6.00 -5.94
C ALA A 162 -10.07 -5.98 -7.35
N GLY A 163 -10.89 -5.53 -8.30
CA GLY A 163 -10.42 -5.47 -9.68
C GLY A 163 -11.41 -4.77 -10.58
N ASP A 164 -11.16 -4.90 -11.89
CA ASP A 164 -11.99 -4.27 -12.92
C ASP A 164 -12.12 -5.26 -14.08
N GLU A 165 -13.33 -5.76 -14.32
CA GLU A 165 -13.51 -6.70 -15.40
C GLU A 165 -13.55 -6.05 -16.77
N LYS A 166 -13.68 -4.71 -16.85
CA LYS A 166 -13.74 -4.06 -18.16
C LYS A 166 -12.35 -3.94 -18.78
N TYR A 167 -11.38 -3.43 -18.02
CA TYR A 167 -10.03 -3.24 -18.54
C TYR A 167 -8.96 -4.01 -17.77
N GLY A 168 -9.30 -4.67 -16.67
CA GLY A 168 -8.28 -5.37 -15.92
C GLY A 168 -7.30 -4.53 -15.15
N LYS A 169 -7.67 -3.29 -14.78
CA LYS A 169 -6.86 -2.46 -13.89
C LYS A 169 -6.47 -3.27 -12.66
N ASP A 170 -5.21 -3.15 -12.27
CA ASP A 170 -4.64 -4.06 -11.29
C ASP A 170 -3.30 -3.51 -10.83
N SER A 171 -2.87 -3.97 -9.67
CA SER A 171 -1.53 -3.66 -9.18
C SER A 171 -0.51 -4.58 -9.84
N CYS A 172 0.74 -4.11 -9.85
CA CYS A 172 1.82 -4.92 -10.44
C CYS A 172 3.10 -4.70 -9.65
N GLN A 173 4.20 -5.25 -10.16
CA GLN A 173 5.47 -5.24 -9.44
C GLN A 173 5.95 -3.83 -9.14
N GLY A 174 6.07 -3.50 -7.86
CA GLY A 174 6.37 -2.17 -7.41
C GLY A 174 5.25 -1.51 -6.63
N ASP A 175 4.05 -2.07 -6.69
CA ASP A 175 2.91 -1.48 -6.00
C ASP A 175 2.68 -2.04 -4.61
N SER A 176 3.33 -3.14 -4.25
CA SER A 176 3.06 -3.80 -2.97
C SER A 176 3.15 -2.83 -1.80
N GLY A 177 2.24 -3.00 -0.85
CA GLY A 177 2.18 -2.13 0.30
C GLY A 177 1.47 -0.82 0.06
N GLY A 178 1.15 -0.49 -1.19
CA GLY A 178 0.41 0.71 -1.48
C GLY A 178 -1.05 0.60 -1.13
N PRO A 179 -1.76 1.72 -1.22
CA PRO A 179 -3.12 1.80 -0.68
C PRO A 179 -4.20 1.40 -1.68
N LEU A 180 -5.15 0.64 -1.15
CA LEU A 180 -6.46 0.48 -1.75
C LEU A 180 -7.41 1.40 -0.96
N VAL A 181 -7.83 2.50 -1.57
CA VAL A 181 -8.59 3.54 -0.91
C VAL A 181 -10.05 3.44 -1.32
N CYS A 182 -10.95 3.25 -0.34
CA CYS A 182 -12.39 3.24 -0.58
C CYS A 182 -13.06 4.27 0.33
N GLY A 183 -13.75 5.23 -0.27
CA GLY A 183 -14.46 6.22 0.52
C GLY A 183 -13.53 7.02 1.41
N ASP A 184 -12.32 7.32 0.93
CA ASP A 184 -11.36 8.15 1.64
C ASP A 184 -10.87 7.48 2.93
N HIS A 185 -10.81 6.15 2.91
CA HIS A 185 -10.22 5.35 3.97
C HIS A 185 -9.28 4.35 3.36
N LEU A 186 -8.27 3.96 4.14
CA LEU A 186 -7.38 2.85 3.76
C LEU A 186 -8.12 1.54 4.01
N ARG A 187 -8.58 0.91 2.93
CA ARG A 187 -9.27 -0.37 3.02
C ARG A 187 -8.32 -1.55 2.85
N GLY A 188 -7.28 -1.42 2.04
CA GLY A 188 -6.37 -2.52 1.83
C GLY A 188 -4.98 -2.06 1.45
N LEU A 189 -4.06 -3.03 1.45
CA LEU A 189 -2.73 -2.86 0.94
C LEU A 189 -2.50 -3.84 -0.20
N VAL A 190 -1.82 -3.38 -1.25
CA VAL A 190 -1.43 -4.28 -2.33
C VAL A 190 -0.62 -5.42 -1.75
N SER A 191 -1.01 -6.65 -2.10
CA SER A 191 -0.33 -7.84 -1.59
C SER A 191 0.14 -8.77 -2.71
N TRP A 192 -0.80 -9.35 -3.45
CA TRP A 192 -0.48 -10.33 -4.47
C TRP A 192 -1.66 -10.42 -5.42
N GLY A 193 -1.53 -11.26 -6.44
CA GLY A 193 -2.60 -11.40 -7.40
C GLY A 193 -2.24 -12.32 -8.55
N ASN A 194 -2.98 -12.18 -9.64
CA ASN A 194 -2.80 -13.03 -10.80
C ASN A 194 -1.44 -12.81 -11.47
N ILE A 195 -0.86 -13.89 -11.98
CA ILE A 195 0.24 -13.85 -12.94
C ILE A 195 -0.34 -14.19 -14.32
N PRO A 196 -0.28 -13.29 -15.30
CA PRO A 196 0.33 -11.95 -15.21
C PRO A 196 -0.56 -10.93 -14.51
N CYS A 197 -0.05 -9.73 -14.26
CA CYS A 197 -0.85 -8.68 -13.66
C CYS A 197 -2.02 -8.30 -14.55
N GLY A 198 -3.15 -7.99 -13.94
CA GLY A 198 -4.35 -7.70 -14.69
C GLY A 198 -5.52 -8.41 -14.06
N SER A 199 -6.65 -7.74 -13.93
CA SER A 199 -7.75 -8.27 -13.14
C SER A 199 -8.97 -8.64 -13.98
N LYS A 200 -8.80 -8.85 -15.28
CA LYS A 200 -9.93 -9.27 -16.11
C LYS A 200 -10.43 -10.66 -15.68
N GLU A 201 -9.50 -11.59 -15.45
CA GLU A 201 -9.86 -12.94 -15.05
C GLU A 201 -9.94 -13.08 -13.53
N LYS A 202 -8.90 -12.67 -12.81
CA LYS A 202 -8.94 -12.77 -11.35
C LYS A 202 -8.54 -11.46 -10.72
N PRO A 203 -9.26 -11.03 -9.69
CA PRO A 203 -8.93 -9.77 -9.03
C PRO A 203 -7.58 -9.86 -8.33
N GLY A 204 -7.05 -8.70 -8.00
CA GLY A 204 -5.88 -8.64 -7.15
C GLY A 204 -6.25 -8.85 -5.69
N VAL A 205 -5.31 -9.35 -4.91
CA VAL A 205 -5.56 -9.67 -3.51
C VAL A 205 -4.92 -8.59 -2.64
N TYR A 206 -5.68 -8.07 -1.69
CA TYR A 206 -5.21 -7.00 -0.84
C TYR A 206 -5.28 -7.43 0.62
N THR A 207 -4.33 -6.92 1.41
CA THR A 207 -4.38 -7.13 2.85
C THR A 207 -5.56 -6.36 3.43
N ASN A 208 -6.36 -7.04 4.25
CA ASN A 208 -7.61 -6.51 4.79
C ASN A 208 -7.30 -5.65 6.01
N VAL A 209 -7.21 -4.33 5.80
CA VAL A 209 -6.64 -3.42 6.80
C VAL A 209 -7.53 -3.31 8.04
N CYS A 210 -8.85 -3.44 7.87
CA CYS A 210 -9.75 -3.29 9.01
C CYS A 210 -9.52 -4.34 10.08
N ARG A 211 -8.85 -5.46 9.75
CA ARG A 211 -8.56 -6.49 10.73
C ARG A 211 -7.41 -6.14 11.66
N TYR A 212 -6.63 -5.11 11.36
CA TYR A 212 -5.40 -4.84 12.10
C TYR A 212 -5.49 -3.57 12.91
N THR A 213 -6.69 -3.01 13.04
CA THR A 213 -6.91 -1.80 13.84
C THR A 213 -6.19 -1.89 15.18
N ASN A 214 -6.54 -2.90 15.99
CA ASN A 214 -5.96 -2.96 17.32
C ASN A 214 -4.45 -3.17 17.26
N TRP A 215 -3.97 -4.06 16.38
CA TRP A 215 -2.53 -4.28 16.26
C TRP A 215 -1.78 -3.01 15.87
N ILE A 216 -2.38 -2.21 14.99
CA ILE A 216 -1.75 -0.96 14.58
C ILE A 216 -1.70 0.04 15.71
N GLN A 217 -2.80 0.18 16.47
CA GLN A 217 -2.80 1.14 17.56
C GLN A 217 -1.77 0.76 18.61
N LYS A 218 -1.74 -0.52 19.00
CA LYS A 218 -0.83 -0.90 20.07
C LYS A 218 0.62 -0.76 19.63
N THR A 219 0.90 -1.01 18.34
CA THR A 219 2.26 -0.81 17.84
C THR A 219 2.67 0.66 17.91
N ILE A 220 1.74 1.55 17.57
CA ILE A 220 2.07 2.98 17.44
C ILE A 220 2.27 3.62 18.81
N GLN A 221 1.55 3.17 19.83
CA GLN A 221 1.73 3.73 21.16
C GLN A 221 2.74 2.97 22.01
N ALA A 222 3.36 1.93 21.48
CA ALA A 222 4.40 1.20 22.22
C ALA A 222 5.55 2.13 22.60
N GLU B 13 -24.13 19.61 20.56
CA GLU B 13 -25.02 19.43 19.42
C GLU B 13 -24.22 19.43 18.12
N VAL B 14 -23.13 20.19 18.09
CA VAL B 14 -22.23 20.13 16.95
C VAL B 14 -21.56 18.76 16.87
N CYS B 15 -21.45 18.07 18.01
CA CYS B 15 -20.80 16.77 18.03
C CYS B 15 -21.63 15.68 17.38
N SER B 16 -22.92 15.91 17.16
CA SER B 16 -23.79 14.91 16.54
C SER B 16 -23.89 15.06 15.03
N GLU B 17 -23.40 16.16 14.47
CA GLU B 17 -23.44 16.40 13.03
C GLU B 17 -22.51 15.46 12.28
N GLN B 18 -22.91 15.12 11.05
CA GLN B 18 -22.10 14.24 10.22
C GLN B 18 -20.80 14.90 9.78
N ALA B 19 -19.74 14.11 9.70
CA ALA B 19 -18.50 14.57 9.10
C ALA B 19 -18.75 15.02 7.66
N GLU B 20 -18.30 16.23 7.34
CA GLU B 20 -18.53 16.83 6.02
C GLU B 20 -17.19 17.15 5.36
N THR B 21 -16.87 16.42 4.30
CA THR B 21 -15.62 16.68 3.58
C THR B 21 -15.61 18.07 2.97
N GLY B 22 -16.78 18.61 2.64
CA GLY B 22 -16.90 19.93 2.05
C GLY B 22 -16.64 19.91 0.56
N PRO B 23 -16.79 21.07 -0.09
CA PRO B 23 -16.73 21.11 -1.56
C PRO B 23 -15.35 21.29 -2.16
N CYS B 24 -14.28 21.41 -1.36
CA CYS B 24 -12.93 21.49 -1.90
C CYS B 24 -12.27 20.12 -1.99
N ARG B 25 -12.99 19.06 -1.64
CA ARG B 25 -12.52 17.70 -1.79
C ARG B 25 -12.71 17.21 -3.24
N ALA C 1 -8.45 19.69 -1.40
CA ALA C 1 -7.31 18.97 -0.85
C ALA C 1 -7.74 17.87 0.09
N LEU C 2 -6.78 17.17 0.69
CA LEU C 2 -7.07 16.04 1.58
C LEU C 2 -6.38 16.27 2.92
N PHE C 3 -7.10 16.83 3.89
CA PHE C 3 -6.56 17.06 5.21
C PHE C 3 -6.99 15.95 6.16
N PHE C 4 -6.05 15.48 6.96
CA PHE C 4 -6.38 14.59 8.07
C PHE C 4 -6.97 15.43 9.21
N ARG C 5 -8.27 15.28 9.45
CA ARG C 5 -8.97 16.01 10.49
C ARG C 5 -9.71 15.02 11.40
N TRP C 6 -10.29 15.54 12.47
CA TRP C 6 -10.98 14.74 13.47
C TRP C 6 -12.43 15.21 13.63
N TYR C 7 -13.32 14.26 13.92
CA TYR C 7 -14.72 14.53 14.20
C TYR C 7 -15.19 13.57 15.29
N PHE C 8 -16.24 13.97 16.00
CA PHE C 8 -16.78 13.10 17.03
C PHE C 8 -17.75 12.11 16.40
N ASP C 9 -17.47 10.82 16.53
CA ASP C 9 -18.36 9.78 16.02
C ASP C 9 -19.28 9.28 17.13
N VAL C 10 -20.58 9.45 16.94
CA VAL C 10 -21.53 9.12 18.01
C VAL C 10 -21.59 7.60 18.23
N THR C 11 -21.43 6.81 17.16
CA THR C 11 -21.50 5.36 17.32
C THR C 11 -20.20 4.75 17.84
N GLU C 12 -19.10 5.49 17.79
CA GLU C 12 -17.90 5.10 18.51
C GLU C 12 -17.83 5.72 19.90
N GLY C 13 -18.58 6.78 20.16
CA GLY C 13 -18.49 7.46 21.43
C GLY C 13 -17.15 8.13 21.67
N LYS C 14 -16.45 8.51 20.61
CA LYS C 14 -15.14 9.15 20.71
C LYS C 14 -14.81 9.72 19.34
N CYS C 15 -13.78 10.56 19.31
CA CYS C 15 -13.38 11.20 18.06
C CYS C 15 -12.69 10.22 17.13
N ALA C 16 -12.80 10.49 15.84
CA ALA C 16 -12.24 9.63 14.81
C ALA C 16 -11.77 10.49 13.64
N PRO C 17 -10.79 10.02 12.87
CA PRO C 17 -10.30 10.79 11.73
C PRO C 17 -11.24 10.74 10.53
N PHE C 18 -11.13 11.78 9.68
CA PHE C 18 -11.80 11.83 8.39
C PHE C 18 -11.03 12.77 7.48
N VAL C 19 -11.25 12.63 6.18
CA VAL C 19 -10.60 13.48 5.19
C VAL C 19 -11.46 14.72 4.95
N TYR C 20 -10.87 15.89 5.18
CA TYR C 20 -11.52 17.17 4.98
C TYR C 20 -10.92 17.87 3.77
N GLY C 21 -11.78 18.50 2.96
CA GLY C 21 -11.36 19.12 1.72
C GLY C 21 -10.64 20.45 1.86
N GLY C 22 -10.74 21.09 3.02
CA GLY C 22 -10.10 22.36 3.27
C GLY C 22 -11.04 23.55 3.36
N CYS C 23 -12.29 23.40 2.93
CA CYS C 23 -13.22 24.52 2.98
C CYS C 23 -14.64 24.00 3.21
N GLY C 24 -15.49 24.88 3.75
CA GLY C 24 -16.89 24.56 3.99
C GLY C 24 -17.10 23.51 5.07
N GLY C 25 -18.14 22.68 4.88
CA GLY C 25 -18.44 21.65 5.84
C GLY C 25 -19.13 22.19 7.08
N ASN C 26 -18.83 21.60 8.24
CA ASN C 26 -19.44 22.02 9.50
C ASN C 26 -18.34 22.08 10.57
N ARG C 27 -18.74 22.35 11.80
CA ARG C 27 -17.82 22.56 12.91
C ARG C 27 -17.45 21.29 13.67
N ASN C 28 -17.99 20.14 13.29
CA ASN C 28 -17.52 18.87 13.86
C ASN C 28 -16.27 18.47 13.09
N ASN C 29 -15.19 19.20 13.36
CA ASN C 29 -14.03 19.28 12.46
C ASN C 29 -12.88 19.88 13.28
N PHE C 30 -11.89 19.05 13.62
CA PHE C 30 -10.87 19.44 14.58
C PHE C 30 -9.51 18.99 14.08
N ASP C 31 -8.49 19.81 14.32
CA ASP C 31 -7.17 19.53 13.79
C ASP C 31 -6.39 18.54 14.63
N THR C 32 -6.82 18.26 15.87
CA THR C 32 -6.22 17.22 16.69
C THR C 32 -7.31 16.42 17.38
N GLU C 33 -6.98 15.16 17.70
CA GLU C 33 -7.86 14.35 18.53
C GLU C 33 -8.09 14.99 19.89
N GLU C 34 -7.04 15.54 20.50
CA GLU C 34 -7.18 16.15 21.83
C GLU C 34 -8.18 17.30 21.81
N TYR C 35 -8.11 18.16 20.79
CA TYR C 35 -9.04 19.28 20.72
C TYR C 35 -10.46 18.79 20.48
N CYS C 36 -10.63 17.87 19.54
CA CYS C 36 -11.92 17.20 19.37
C CYS C 36 -12.47 16.68 20.69
N MET C 37 -11.64 15.98 21.47
CA MET C 37 -12.15 15.33 22.66
C MET C 37 -12.45 16.33 23.77
N ALA C 38 -11.74 17.45 23.80
CA ALA C 38 -12.05 18.46 24.82
C ALA C 38 -13.37 19.16 24.53
N VAL C 39 -13.81 19.19 23.27
CA VAL C 39 -15.07 19.85 22.94
C VAL C 39 -16.23 18.85 23.00
N CYS C 40 -15.97 17.58 22.71
CA CYS C 40 -17.02 16.61 22.46
C CYS C 40 -16.95 15.36 23.33
N GLY C 41 -15.91 15.21 24.16
CA GLY C 41 -15.64 13.96 24.84
C GLY C 41 -16.42 13.69 26.11
N SER C 42 -17.20 14.66 26.61
CA SER C 42 -18.07 14.40 27.75
C SER C 42 -19.16 15.46 27.87
N GLU D 13 19.94 -28.33 -13.28
CA GLU D 13 18.51 -28.64 -13.32
C GLU D 13 17.70 -27.43 -12.84
N VAL D 14 18.15 -26.81 -11.75
CA VAL D 14 17.47 -25.62 -11.24
C VAL D 14 17.79 -24.43 -12.12
N CYS D 15 19.03 -24.36 -12.62
CA CYS D 15 19.56 -23.21 -13.33
C CYS D 15 18.99 -23.04 -14.73
N SER D 16 18.20 -23.99 -15.23
CA SER D 16 17.56 -23.84 -16.54
C SER D 16 16.08 -23.52 -16.43
N GLU D 17 15.55 -23.36 -15.21
CA GLU D 17 14.19 -22.88 -15.04
C GLU D 17 14.11 -21.40 -15.40
N GLN D 18 12.94 -20.97 -15.86
CA GLN D 18 12.75 -19.55 -16.12
C GLN D 18 12.71 -18.76 -14.82
N ALA D 19 13.11 -17.50 -14.91
CA ALA D 19 13.03 -16.58 -13.79
C ALA D 19 11.55 -16.31 -13.47
N GLU D 20 11.15 -16.54 -12.22
CA GLU D 20 9.76 -16.41 -11.80
C GLU D 20 9.59 -15.19 -10.89
N THR D 21 8.81 -14.23 -11.37
CA THR D 21 8.47 -13.07 -10.55
C THR D 21 7.63 -13.48 -9.34
N GLY D 22 6.72 -14.44 -9.50
CA GLY D 22 5.83 -14.86 -8.45
C GLY D 22 4.59 -13.98 -8.34
N PRO D 23 3.72 -14.28 -7.35
CA PRO D 23 2.43 -13.56 -7.24
C PRO D 23 2.48 -12.19 -6.55
N CYS D 24 3.47 -11.98 -5.69
CA CYS D 24 3.53 -10.75 -4.89
C CYS D 24 3.99 -9.58 -5.77
N ARG D 25 3.64 -8.36 -5.34
CA ARG D 25 3.80 -7.17 -6.16
CA ARG D 25 3.80 -7.17 -6.16
C ARG D 25 4.98 -6.29 -5.72
N ALA D 26 6.00 -6.88 -5.09
CA ALA D 26 7.16 -6.07 -4.76
C ALA D 26 8.16 -6.06 -5.93
N LEU D 27 9.26 -5.32 -5.76
CA LEU D 27 10.26 -5.10 -6.80
C LEU D 27 11.65 -5.43 -6.24
N PHE D 28 11.89 -6.69 -5.94
CA PHE D 28 13.22 -7.12 -5.49
C PHE D 28 14.14 -7.36 -6.70
N PHE D 29 15.41 -6.98 -6.55
CA PHE D 29 16.41 -7.27 -7.57
C PHE D 29 17.11 -8.58 -7.22
N ARG D 30 16.83 -9.62 -7.99
CA ARG D 30 17.42 -10.93 -7.77
C ARG D 30 18.22 -11.34 -8.99
N TRP D 31 18.79 -12.53 -8.93
CA TRP D 31 19.69 -13.06 -9.94
C TRP D 31 19.22 -14.43 -10.34
N TYR D 32 19.32 -14.73 -11.64
CA TYR D 32 18.98 -16.04 -12.15
C TYR D 32 20.00 -16.40 -13.21
N PHE D 33 20.19 -17.70 -13.40
CA PHE D 33 21.12 -18.19 -14.39
C PHE D 33 20.40 -18.26 -15.72
N ASP D 34 20.90 -17.52 -16.71
CA ASP D 34 20.36 -17.52 -18.06
C ASP D 34 21.11 -18.57 -18.88
N VAL D 35 20.38 -19.57 -19.38
CA VAL D 35 21.01 -20.67 -20.09
C VAL D 35 21.64 -20.17 -21.39
N THR D 36 20.94 -19.31 -22.14
CA THR D 36 21.43 -18.90 -23.44
C THR D 36 22.68 -18.04 -23.30
N GLU D 37 22.72 -17.18 -22.27
CA GLU D 37 23.90 -16.38 -22.02
C GLU D 37 24.96 -17.13 -21.24
N GLY D 38 24.60 -18.21 -20.54
CA GLY D 38 25.59 -18.94 -19.76
C GLY D 38 26.17 -18.15 -18.61
N LYS D 39 25.55 -17.04 -18.24
CA LYS D 39 25.94 -16.18 -17.14
C LYS D 39 24.71 -15.98 -16.27
N CYS D 40 24.87 -15.25 -15.17
CA CYS D 40 23.75 -14.88 -14.35
C CYS D 40 23.29 -13.47 -14.73
N ALA D 41 22.00 -13.22 -14.53
CA ALA D 41 21.39 -11.98 -14.99
C ALA D 41 20.36 -11.48 -13.97
N PRO D 42 20.13 -10.17 -13.92
CA PRO D 42 19.11 -9.64 -13.01
C PRO D 42 17.70 -10.00 -13.47
N PHE D 43 16.77 -10.04 -12.51
CA PHE D 43 15.37 -10.10 -12.83
C PHE D 43 14.57 -9.53 -11.65
N VAL D 44 13.33 -9.17 -11.93
CA VAL D 44 12.43 -8.63 -10.92
C VAL D 44 11.71 -9.78 -10.23
N TYR D 45 11.90 -9.88 -8.93
CA TYR D 45 11.22 -10.87 -8.09
C TYR D 45 10.18 -10.17 -7.24
N GLY D 46 8.97 -10.74 -7.21
CA GLY D 46 7.85 -10.10 -6.54
C GLY D 46 7.84 -10.18 -5.03
N GLY D 47 8.70 -11.01 -4.45
CA GLY D 47 8.87 -11.08 -3.02
C GLY D 47 8.36 -12.33 -2.37
N CYS D 48 7.67 -13.21 -3.10
CA CYS D 48 7.16 -14.46 -2.54
C CYS D 48 7.01 -15.49 -3.65
N GLY D 49 7.03 -16.76 -3.25
CA GLY D 49 6.90 -17.81 -4.23
C GLY D 49 8.07 -17.85 -5.19
N GLY D 50 7.81 -18.33 -6.40
CA GLY D 50 8.85 -18.46 -7.42
C GLY D 50 9.52 -19.82 -7.41
N ASN D 51 10.73 -19.85 -7.95
CA ASN D 51 11.53 -21.08 -7.91
C ASN D 51 12.91 -20.76 -7.35
N ARG D 52 13.83 -21.72 -7.35
CA ARG D 52 15.12 -21.51 -6.69
C ARG D 52 16.22 -21.04 -7.64
N ASN D 53 15.90 -20.78 -8.92
CA ASN D 53 16.79 -20.02 -9.80
C ASN D 53 16.59 -18.53 -9.49
N ASN D 54 17.03 -18.15 -8.28
CA ASN D 54 16.66 -16.89 -7.64
C ASN D 54 17.69 -16.68 -6.52
N PHE D 55 18.66 -15.81 -6.76
CA PHE D 55 19.77 -15.63 -5.85
C PHE D 55 19.90 -14.16 -5.53
N ASP D 56 20.40 -13.87 -4.32
CA ASP D 56 20.50 -12.50 -3.83
C ASP D 56 21.64 -11.75 -4.51
N THR D 57 22.74 -12.44 -4.83
CA THR D 57 23.92 -11.82 -5.43
C THR D 57 24.28 -12.55 -6.72
N GLU D 58 25.02 -11.83 -7.57
CA GLU D 58 25.52 -12.40 -8.81
C GLU D 58 26.60 -13.44 -8.55
N GLU D 59 27.47 -13.17 -7.57
CA GLU D 59 28.50 -14.14 -7.18
C GLU D 59 27.88 -15.47 -6.78
N TYR D 60 26.92 -15.42 -5.83
CA TYR D 60 26.28 -16.63 -5.35
C TYR D 60 25.56 -17.37 -6.47
N CYS D 61 24.94 -16.62 -7.39
CA CYS D 61 24.29 -17.26 -8.53
C CYS D 61 25.30 -18.06 -9.34
N MET D 62 26.48 -17.50 -9.59
CA MET D 62 27.46 -18.24 -10.40
C MET D 62 28.17 -19.31 -9.60
N ALA D 63 28.28 -19.16 -8.28
CA ALA D 63 28.87 -20.20 -7.46
C ALA D 63 28.06 -21.49 -7.52
N VAL D 64 26.77 -21.40 -7.85
CA VAL D 64 25.89 -22.55 -7.88
C VAL D 64 25.59 -23.03 -9.29
N CYS D 65 25.56 -22.13 -10.28
CA CYS D 65 25.14 -22.51 -11.62
C CYS D 65 26.25 -22.35 -12.67
#